data_8BCT
#
_entry.id   8BCT
#
_cell.length_a   86.893
_cell.length_b   78.322
_cell.length_c   81.550
_cell.angle_alpha   90.000
_cell.angle_beta   107.970
_cell.angle_gamma   90.000
#
_symmetry.space_group_name_H-M   'C 1 2 1'
#
loop_
_entity.id
_entity.type
_entity.pdbx_description
1 polymer 26alpha
2 polymer 26beta
3 non-polymer 'SULFATE ION'
4 non-polymer GLYCEROL
5 non-polymer 'ACETATE ION'
6 water water
#
loop_
_entity_poly.entity_id
_entity_poly.type
_entity_poly.pdbx_seq_one_letter_code
_entity_poly.pdbx_strand_id
1 'polypeptide(L)' (ACE)GELEALGKKFKALAWKVKALSKEPSAQELEALTQEAEALGKKIKALAQG(NH2) D,B,H,F
2 'polypeptide(L)' (ACE)GELEALAKKTKALTWKFKALSKEPSAQELEALTQECEALGKKLKALAQG(NH2) G,E,A,C
#
# COMPACT_ATOMS: atom_id res chain seq x y z
N GLY A 2 30.89 12.15 7.48
CA GLY A 2 30.50 11.71 8.82
C GLY A 2 29.03 11.31 8.92
N GLU A 3 28.43 11.56 10.10
CA GLU A 3 27.06 11.20 10.38
C GLU A 3 26.09 12.01 9.50
N LEU A 4 26.43 13.27 9.19
CA LEU A 4 25.58 14.12 8.36
C LEU A 4 25.44 13.51 6.98
N GLU A 5 26.56 13.16 6.36
CA GLU A 5 26.61 12.51 5.06
C GLU A 5 25.81 11.20 5.07
N ALA A 6 26.06 10.35 6.07
CA ALA A 6 25.47 9.03 6.13
C ALA A 6 23.95 9.15 6.31
N LEU A 7 23.52 10.13 7.12
CA LEU A 7 22.11 10.28 7.42
C LEU A 7 21.42 10.83 6.16
N GLY A 8 22.13 11.69 5.44
CA GLY A 8 21.70 12.20 4.15
C GLY A 8 21.43 11.10 3.12
N LYS A 9 22.38 10.18 2.97
CA LYS A 9 22.20 9.06 2.07
C LYS A 9 20.98 8.23 2.46
N LYS A 10 20.79 8.08 3.76
CA LYS A 10 19.70 7.23 4.24
C LYS A 10 18.35 7.91 3.93
N PHE A 11 18.24 9.24 4.08
CA PHE A 11 17.02 9.92 3.66
C PHE A 11 16.76 9.78 2.16
N LYS A 12 17.79 9.89 1.31
CA LYS A 12 17.64 9.64 -0.12
C LYS A 12 17.15 8.22 -0.38
N ALA A 13 17.67 7.22 0.36
CA ALA A 13 17.24 5.84 0.16
C ALA A 13 15.73 5.76 0.45
N LEU A 14 15.30 6.42 1.54
CA LEU A 14 13.92 6.37 1.97
C LEU A 14 13.03 7.06 0.92
N ALA A 15 13.56 8.09 0.28
CA ALA A 15 12.83 8.82 -0.76
C ALA A 15 12.49 7.89 -1.93
N TRP A 16 13.46 7.05 -2.28
CA TRP A 16 13.25 6.05 -3.31
C TRP A 16 12.14 5.06 -2.95
N LYS A 17 12.14 4.64 -1.67
CA LYS A 17 11.14 3.70 -1.21
C LYS A 17 9.76 4.33 -1.35
N VAL A 18 9.60 5.58 -0.92
CA VAL A 18 8.32 6.25 -1.09
C VAL A 18 7.97 6.45 -2.57
N LYS A 19 8.95 6.80 -3.38
CA LYS A 19 8.76 6.93 -4.81
C LYS A 19 8.21 5.66 -5.41
N ALA A 20 8.67 4.49 -4.99
CA ALA A 20 8.24 3.24 -5.59
C ALA A 20 6.78 2.88 -5.23
N LEU A 21 6.23 3.44 -4.15
CA LEU A 21 4.90 3.09 -3.71
C LEU A 21 3.92 3.34 -4.86
N SER A 22 2.95 2.43 -4.96
CA SER A 22 1.89 2.58 -5.96
C SER A 22 0.55 2.55 -5.23
N LYS A 23 -0.55 2.67 -5.99
CA LYS A 23 -1.85 2.85 -5.34
C LYS A 23 -2.13 1.80 -4.25
N GLU A 24 -2.71 2.23 -3.12
CA GLU A 24 -3.07 1.37 -1.98
C GLU A 24 -1.86 0.56 -1.50
N PRO A 25 -0.80 1.25 -1.02
CA PRO A 25 0.31 0.53 -0.40
C PRO A 25 -0.19 -0.24 0.82
N SER A 26 0.40 -1.39 1.11
CA SER A 26 -0.02 -2.13 2.29
C SER A 26 0.29 -1.34 3.56
N ALA A 27 -0.42 -1.72 4.64
CA ALA A 27 -0.25 -1.08 5.93
C ALA A 27 1.12 -1.45 6.46
N GLN A 28 1.57 -2.67 6.11
CA GLN A 28 2.85 -3.19 6.58
C GLN A 28 3.94 -2.32 5.97
N GLU A 29 3.79 -1.94 4.70
CA GLU A 29 4.80 -1.16 4.04
C GLU A 29 4.80 0.27 4.60
N LEU A 30 3.63 0.90 4.73
CA LEU A 30 3.55 2.25 5.27
C LEU A 30 4.13 2.29 6.69
N GLU A 31 3.88 1.27 7.49
CA GLU A 31 4.40 1.18 8.84
C GLU A 31 5.92 0.99 8.83
N ALA A 32 6.43 0.14 7.93
CA ALA A 32 7.86 -0.04 7.76
C ALA A 32 8.57 1.28 7.43
N LEU A 33 7.99 2.06 6.51
CA LEU A 33 8.62 3.29 6.08
C LEU A 33 8.48 4.33 7.19
N THR A 34 7.39 4.29 7.95
CA THR A 34 7.17 5.22 9.05
C THR A 34 8.23 4.96 10.13
N GLN A 35 8.49 3.69 10.40
CA GLN A 35 9.46 3.31 11.42
C GLN A 35 10.86 3.72 10.95
N GLU A 36 11.20 3.56 9.67
CA GLU A 36 12.52 4.02 9.20
CA GLU A 36 12.52 4.02 9.20
C GLU A 36 12.63 5.53 9.37
N ALA A 37 11.59 6.28 9.00
CA ALA A 37 11.62 7.72 9.23
C ALA A 37 11.85 8.05 10.71
N GLU A 38 11.09 7.38 11.62
CA GLU A 38 11.20 7.65 13.04
C GLU A 38 12.62 7.33 13.55
N ALA A 39 13.24 6.27 13.03
CA ALA A 39 14.58 5.86 13.45
C ALA A 39 15.61 6.91 13.00
N LEU A 40 15.43 7.44 11.77
CA LEU A 40 16.32 8.46 11.26
C LEU A 40 16.08 9.75 12.06
N GLY A 41 14.82 9.95 12.43
CA GLY A 41 14.43 11.09 13.24
C GLY A 41 15.12 11.15 14.61
N LYS A 42 15.26 9.99 15.24
CA LYS A 42 15.92 9.84 16.54
C LYS A 42 17.39 10.26 16.41
N LYS A 43 18.05 9.80 15.33
CA LYS A 43 19.43 10.14 15.01
C LYS A 43 19.61 11.64 14.80
N ILE A 44 18.71 12.29 14.04
CA ILE A 44 18.81 13.70 13.73
C ILE A 44 18.62 14.53 15.01
N LYS A 45 17.67 14.10 15.85
CA LYS A 45 17.38 14.77 17.11
C LYS A 45 18.65 14.82 17.97
N ALA A 46 19.27 13.66 18.13
CA ALA A 46 20.53 13.51 18.86
C ALA A 46 21.61 14.39 18.25
N LEU A 47 21.73 14.38 16.93
CA LEU A 47 22.81 15.15 16.25
C LEU A 47 22.57 16.66 16.36
N ALA A 48 21.30 17.09 16.46
CA ALA A 48 21.03 18.54 16.38
C ALA A 48 20.82 19.18 17.75
N GLN A 49 20.91 18.39 18.81
CA GLN A 49 20.71 18.92 20.18
C GLN A 49 21.47 20.24 20.37
N GLY A 50 20.79 21.25 20.92
CA GLY A 50 21.41 22.57 21.12
C GLY A 50 21.47 23.34 19.82
N GLY B 2 -24.88 21.26 -15.66
CA GLY B 2 -24.65 21.73 -14.27
C GLY B 2 -23.29 21.25 -13.76
N GLU B 3 -23.28 20.26 -12.87
CA GLU B 3 -22.06 19.69 -12.31
C GLU B 3 -21.20 19.08 -13.42
N LEU B 4 -21.83 18.45 -14.42
CA LEU B 4 -21.04 17.81 -15.47
C LEU B 4 -20.38 18.87 -16.35
N GLU B 5 -21.09 19.97 -16.64
CA GLU B 5 -20.49 21.05 -17.40
C GLU B 5 -19.28 21.65 -16.65
N ALA B 6 -19.43 21.84 -15.34
CA ALA B 6 -18.32 22.34 -14.52
C ALA B 6 -17.13 21.40 -14.55
N LEU B 7 -17.38 20.08 -14.48
CA LEU B 7 -16.32 19.10 -14.62
C LEU B 7 -15.73 19.12 -16.03
N ALA B 8 -16.51 19.32 -17.10
CA ALA B 8 -15.92 19.42 -18.42
C ALA B 8 -14.93 20.59 -18.48
N LYS B 9 -15.25 21.74 -17.85
CA LYS B 9 -14.36 22.88 -17.84
C LYS B 9 -13.11 22.55 -17.05
N LYS B 10 -13.24 21.86 -15.91
CA LYS B 10 -12.06 21.45 -15.13
C LYS B 10 -11.19 20.48 -15.93
N THR B 11 -11.81 19.58 -16.68
CA THR B 11 -11.05 18.67 -17.49
C THR B 11 -10.31 19.38 -18.61
N LYS B 12 -10.94 20.35 -19.24
CA LYS B 12 -10.22 21.11 -20.30
C LYS B 12 -9.01 21.83 -19.69
N ALA B 13 -9.20 22.47 -18.53
CA ALA B 13 -8.09 23.12 -17.85
C ALA B 13 -6.96 22.11 -17.57
N LEU B 14 -7.32 20.92 -17.15
CA LEU B 14 -6.32 19.90 -16.82
C LEU B 14 -5.54 19.46 -18.08
N THR B 15 -6.24 19.19 -19.19
CA THR B 15 -5.58 18.82 -20.44
C THR B 15 -4.54 19.87 -20.83
N TRP B 16 -4.94 21.17 -20.77
CA TRP B 16 -4.02 22.23 -21.12
C TRP B 16 -2.86 22.31 -20.16
N LYS B 17 -3.05 21.96 -18.88
CA LYS B 17 -1.97 21.98 -17.93
C LYS B 17 -0.94 20.92 -18.29
N PHE B 18 -1.42 19.74 -18.68
CA PHE B 18 -0.53 18.71 -19.19
C PHE B 18 0.21 19.18 -20.47
N LYS B 19 -0.54 19.74 -21.39
CA LYS B 19 0.04 20.19 -22.64
C LYS B 19 1.09 21.26 -22.44
N ALA B 20 0.95 22.10 -21.37
CA ALA B 20 1.82 23.22 -21.08
C ALA B 20 3.02 22.81 -20.22
N LEU B 21 3.19 21.53 -19.88
CA LEU B 21 4.33 21.14 -19.07
C LEU B 21 5.65 21.46 -19.77
N SER B 22 6.61 21.99 -19.02
CA SER B 22 7.92 22.15 -19.60
C SER B 22 8.59 20.78 -19.76
N LYS B 23 9.67 20.81 -20.57
CA LYS B 23 10.45 19.64 -20.88
C LYS B 23 11.08 19.07 -19.61
N GLU B 24 11.32 19.91 -18.59
CA GLU B 24 11.79 19.45 -17.29
C GLU B 24 10.89 20.01 -16.20
N PRO B 25 9.71 19.40 -15.95
CA PRO B 25 8.76 19.98 -15.03
C PRO B 25 9.25 19.91 -13.59
N SER B 26 8.89 20.93 -12.83
CA SER B 26 9.14 21.04 -11.42
C SER B 26 8.31 20.01 -10.65
N ALA B 27 8.84 19.59 -9.48
CA ALA B 27 8.07 18.74 -8.59
C ALA B 27 6.74 19.39 -8.28
N GLN B 28 6.71 20.71 -8.12
CA GLN B 28 5.51 21.41 -7.74
C GLN B 28 4.46 21.25 -8.84
N GLU B 29 4.87 21.36 -10.10
CA GLU B 29 3.88 21.25 -11.18
C GLU B 29 3.37 19.81 -11.32
N LEU B 30 4.24 18.83 -11.12
CA LEU B 30 3.80 17.45 -11.18
C LEU B 30 2.84 17.14 -10.02
N GLU B 31 3.10 17.69 -8.83
CA GLU B 31 2.20 17.47 -7.70
CA GLU B 31 2.21 17.50 -7.69
C GLU B 31 0.85 18.16 -7.96
N ALA B 32 0.88 19.34 -8.61
CA ALA B 32 -0.36 20.03 -8.92
C ALA B 32 -1.20 19.23 -9.93
N LEU B 33 -0.58 18.70 -10.97
CA LEU B 33 -1.25 17.83 -11.92
C LEU B 33 -1.86 16.65 -11.19
N THR B 34 -1.08 15.98 -10.32
CA THR B 34 -1.59 14.89 -9.55
C THR B 34 -2.82 15.28 -8.74
N GLN B 35 -2.75 16.44 -8.06
CA GLN B 35 -3.83 16.85 -7.22
C GLN B 35 -5.10 17.01 -8.07
N GLU B 36 -4.93 17.63 -9.21
CA GLU B 36 -6.09 17.91 -10.07
C GLU B 36 -6.71 16.62 -10.63
N CYS B 37 -5.89 15.64 -11.01
CA CYS B 37 -6.38 14.31 -11.37
C CYS B 37 -7.16 13.67 -10.23
N GLU B 38 -6.59 13.69 -9.04
CA GLU B 38 -7.28 12.99 -7.92
C GLU B 38 -8.59 13.69 -7.59
N ALA B 39 -8.62 15.01 -7.66
CA ALA B 39 -9.81 15.78 -7.33
C ALA B 39 -10.93 15.47 -8.33
N LEU B 40 -10.59 15.46 -9.62
CA LEU B 40 -11.57 15.08 -10.64
C LEU B 40 -12.09 13.65 -10.45
N GLY B 41 -11.18 12.71 -10.16
CA GLY B 41 -11.61 11.36 -9.91
C GLY B 41 -12.56 11.26 -8.72
N LYS B 42 -12.27 11.98 -7.63
CA LYS B 42 -13.12 11.95 -6.45
C LYS B 42 -14.50 12.54 -6.77
N LYS B 43 -14.53 13.65 -7.51
CA LYS B 43 -15.78 14.31 -7.87
C LYS B 43 -16.65 13.41 -8.76
N LEU B 44 -16.03 12.77 -9.79
CA LEU B 44 -16.76 11.83 -10.63
C LEU B 44 -17.30 10.65 -9.82
N LYS B 45 -16.51 10.08 -8.91
CA LYS B 45 -17.03 8.99 -8.11
C LYS B 45 -18.16 9.48 -7.21
N ALA B 46 -18.08 10.73 -6.72
CA ALA B 46 -19.15 11.28 -5.89
C ALA B 46 -20.46 11.39 -6.69
N LEU B 47 -20.38 11.99 -7.89
CA LEU B 47 -21.52 12.11 -8.80
C LEU B 47 -22.18 10.75 -9.00
N ALA B 48 -21.36 9.77 -9.34
CA ALA B 48 -21.83 8.40 -9.57
C ALA B 48 -22.62 7.87 -8.37
N GLN B 49 -22.25 8.29 -7.15
CA GLN B 49 -22.85 7.84 -5.90
C GLN B 49 -23.72 8.96 -5.32
N GLY C 2 -4.00 -3.02 8.14
CA GLY C 2 -4.90 -3.52 7.10
C GLY C 2 -5.87 -4.58 7.65
N GLU C 3 -6.43 -5.46 6.78
CA GLU C 3 -7.61 -6.22 7.13
C GLU C 3 -7.30 -7.33 8.14
N LEU C 4 -6.14 -7.98 8.02
CA LEU C 4 -5.76 -8.99 8.99
C LEU C 4 -5.65 -8.37 10.38
N GLU C 5 -4.94 -7.25 10.48
CA GLU C 5 -4.80 -6.56 11.76
CA GLU C 5 -4.81 -6.55 11.75
C GLU C 5 -6.19 -6.17 12.29
N ALA C 6 -7.05 -5.61 11.41
CA ALA C 6 -8.38 -5.11 11.78
C ALA C 6 -9.29 -6.23 12.26
N LEU C 7 -9.36 -7.35 11.50
CA LEU C 7 -10.15 -8.48 11.93
C LEU C 7 -9.60 -9.00 13.25
N GLY C 8 -8.28 -9.11 13.34
CA GLY C 8 -7.62 -9.53 14.56
C GLY C 8 -8.08 -8.70 15.76
N LYS C 9 -8.18 -7.38 15.57
CA LYS C 9 -8.60 -6.51 16.65
C LYS C 9 -10.07 -6.75 16.98
N LYS C 10 -10.88 -6.99 15.93
CA LYS C 10 -12.29 -7.27 16.15
C LYS C 10 -12.46 -8.54 16.98
N PHE C 11 -11.71 -9.59 16.65
CA PHE C 11 -11.89 -10.83 17.40
C PHE C 11 -11.41 -10.65 18.83
N LYS C 12 -10.35 -9.89 19.07
CA LYS C 12 -9.89 -9.68 20.44
C LYS C 12 -10.94 -8.89 21.23
N ALA C 13 -11.56 -7.92 20.58
CA ALA C 13 -12.63 -7.17 21.21
C ALA C 13 -13.83 -8.07 21.49
N LEU C 14 -14.13 -9.01 20.58
CA LEU C 14 -15.23 -9.93 20.79
C LEU C 14 -14.95 -10.83 21.99
N ALA C 15 -13.69 -11.16 22.22
CA ALA C 15 -13.30 -11.98 23.35
C ALA C 15 -13.67 -11.26 24.66
N TRP C 16 -13.37 -9.94 24.66
CA TRP C 16 -13.70 -9.08 25.81
C TRP C 16 -15.20 -8.95 26.01
N LYS C 17 -15.98 -8.96 24.92
CA LYS C 17 -17.42 -8.96 25.04
C LYS C 17 -17.93 -10.23 25.70
N VAL C 18 -17.43 -11.40 25.27
CA VAL C 18 -17.82 -12.62 25.94
C VAL C 18 -17.40 -12.62 27.42
N LYS C 19 -16.17 -12.20 27.70
CA LYS C 19 -15.66 -12.13 29.06
C LYS C 19 -16.59 -11.30 29.94
N ALA C 20 -17.21 -10.28 29.37
CA ALA C 20 -18.17 -9.47 30.13
C ALA C 20 -19.52 -10.16 30.41
N LEU C 21 -19.92 -11.23 29.70
CA LEU C 21 -21.23 -11.86 29.99
C LEU C 21 -21.33 -12.38 31.42
N SER C 22 -22.52 -12.20 32.03
CA SER C 22 -22.88 -12.69 33.37
C SER C 22 -23.87 -13.86 33.27
N LYS C 23 -24.13 -14.49 34.43
CA LYS C 23 -24.99 -15.65 34.51
C LYS C 23 -26.30 -15.30 33.83
N GLU C 24 -26.82 -16.23 33.02
CA GLU C 24 -28.12 -16.09 32.41
C GLU C 24 -28.10 -14.85 31.52
N PRO C 25 -27.16 -14.77 30.53
CA PRO C 25 -27.07 -13.62 29.63
C PRO C 25 -28.40 -13.59 28.91
N SER C 26 -28.85 -12.40 28.50
CA SER C 26 -30.08 -12.31 27.72
C SER C 26 -29.92 -13.00 26.36
N ALA C 27 -31.04 -13.46 25.84
CA ALA C 27 -31.16 -13.89 24.46
C ALA C 27 -30.62 -12.81 23.54
N GLN C 28 -30.88 -11.54 23.91
CA GLN C 28 -30.49 -10.43 23.04
C GLN C 28 -28.97 -10.32 22.97
N GLU C 29 -28.31 -10.38 24.13
CA GLU C 29 -26.85 -10.33 24.24
C GLU C 29 -26.24 -11.47 23.43
N LEU C 30 -26.75 -12.70 23.60
CA LEU C 30 -26.17 -13.86 22.92
C LEU C 30 -26.36 -13.77 21.39
N GLU C 31 -27.53 -13.30 20.95
CA GLU C 31 -27.80 -13.13 19.55
C GLU C 31 -26.89 -12.04 18.96
N ALA C 32 -26.67 -10.91 19.67
CA ALA C 32 -25.81 -9.87 19.13
C ALA C 32 -24.38 -10.37 18.95
N LEU C 33 -23.90 -11.21 19.88
CA LEU C 33 -22.53 -11.71 19.80
C LEU C 33 -22.42 -12.78 18.71
N THR C 34 -23.46 -13.61 18.58
CA THR C 34 -23.53 -14.59 17.49
C THR C 34 -23.50 -13.88 16.14
N GLN C 35 -24.31 -12.83 15.98
CA GLN C 35 -24.41 -12.11 14.71
C GLN C 35 -23.08 -11.46 14.38
N GLU C 36 -22.38 -10.93 15.39
CA GLU C 36 -21.07 -10.38 15.12
C GLU C 36 -20.07 -11.46 14.71
N ALA C 37 -20.00 -12.59 15.43
CA ALA C 37 -19.15 -13.68 15.00
C ALA C 37 -19.46 -14.10 13.56
N GLU C 38 -20.76 -14.19 13.19
CA GLU C 38 -21.14 -14.57 11.84
C GLU C 38 -20.63 -13.56 10.80
N ALA C 39 -20.72 -12.26 11.09
CA ALA C 39 -20.30 -11.20 10.19
C ALA C 39 -18.79 -11.23 9.99
N LEU C 40 -18.05 -11.45 11.08
CA LEU C 40 -16.60 -11.57 11.02
C LEU C 40 -16.21 -12.81 10.21
N GLY C 41 -16.97 -13.89 10.46
CA GLY C 41 -16.79 -15.14 9.75
C GLY C 41 -16.93 -15.00 8.24
N LYS C 42 -17.92 -14.22 7.79
CA LYS C 42 -18.10 -13.90 6.38
C LYS C 42 -16.83 -13.21 5.82
N LYS C 43 -16.27 -12.24 6.55
CA LYS C 43 -15.09 -11.50 6.10
C LYS C 43 -13.87 -12.42 6.01
N ILE C 44 -13.72 -13.30 7.00
CA ILE C 44 -12.62 -14.25 7.00
C ILE C 44 -12.78 -15.20 5.81
N LYS C 45 -14.02 -15.65 5.56
CA LYS C 45 -14.25 -16.57 4.45
C LYS C 45 -13.73 -15.90 3.17
N ALA C 46 -14.12 -14.65 2.95
CA ALA C 46 -13.74 -13.93 1.75
C ALA C 46 -12.22 -13.80 1.67
N LEU C 47 -11.59 -13.50 2.82
CA LEU C 47 -10.18 -13.19 2.89
C LEU C 47 -9.34 -14.44 2.61
N ALA C 48 -9.84 -15.59 3.08
CA ALA C 48 -9.06 -16.81 3.12
C ALA C 48 -9.31 -17.67 1.88
N GLN C 49 -10.19 -17.23 0.97
CA GLN C 49 -10.53 -18.04 -0.19
C GLN C 49 -9.26 -18.37 -0.99
N GLY C 50 -9.20 -19.64 -1.44
CA GLY C 50 -8.05 -20.21 -2.13
C GLY C 50 -6.94 -20.68 -1.20
N GLY D 2 -0.19 -27.56 -0.73
CA GLY D 2 0.87 -27.94 -1.65
C GLY D 2 1.24 -26.81 -2.62
N GLU D 3 0.22 -26.19 -3.24
CA GLU D 3 0.46 -25.13 -4.21
C GLU D 3 1.00 -23.90 -3.48
N LEU D 4 0.46 -23.57 -2.29
CA LEU D 4 0.94 -22.41 -1.56
C LEU D 4 2.42 -22.61 -1.22
N GLU D 5 2.82 -23.82 -0.86
CA GLU D 5 4.23 -24.06 -0.53
C GLU D 5 5.10 -23.87 -1.79
N ALA D 6 4.59 -24.39 -2.91
CA ALA D 6 5.29 -24.21 -4.17
C ALA D 6 5.45 -22.72 -4.45
N LEU D 7 4.40 -21.91 -4.25
CA LEU D 7 4.52 -20.48 -4.52
C LEU D 7 5.46 -19.78 -3.52
N ALA D 8 5.51 -20.21 -2.25
CA ALA D 8 6.46 -19.69 -1.27
C ALA D 8 7.91 -19.91 -1.73
N LYS D 9 8.24 -21.08 -2.29
CA LYS D 9 9.55 -21.31 -2.84
C LYS D 9 9.81 -20.37 -4.02
N LYS D 10 8.79 -20.15 -4.89
CA LYS D 10 9.00 -19.24 -6.03
C LYS D 10 9.20 -17.81 -5.54
N THR D 11 8.54 -17.45 -4.44
CA THR D 11 8.67 -16.14 -3.86
C THR D 11 10.09 -15.96 -3.29
N LYS D 12 10.61 -16.98 -2.63
CA LYS D 12 12.00 -16.94 -2.18
C LYS D 12 12.99 -16.77 -3.33
N ALA D 13 12.86 -17.55 -4.41
CA ALA D 13 13.69 -17.44 -5.59
C ALA D 13 13.65 -16.01 -6.16
N LEU D 14 12.46 -15.40 -6.15
CA LEU D 14 12.29 -14.06 -6.74
C LEU D 14 12.99 -13.01 -5.87
N THR D 15 12.84 -13.09 -4.54
CA THR D 15 13.47 -12.16 -3.62
C THR D 15 14.99 -12.23 -3.81
N TRP D 16 15.52 -13.45 -3.93
CA TRP D 16 16.95 -13.59 -4.17
C TRP D 16 17.36 -13.06 -5.53
N LYS D 17 16.54 -13.19 -6.58
CA LYS D 17 16.86 -12.63 -7.86
C LYS D 17 17.01 -11.10 -7.72
N PHE D 18 16.10 -10.46 -6.98
CA PHE D 18 16.22 -9.01 -6.76
C PHE D 18 17.53 -8.72 -6.03
N LYS D 19 17.76 -9.46 -4.94
CA LYS D 19 18.95 -9.25 -4.10
C LYS D 19 20.22 -9.43 -4.89
N ALA D 20 20.24 -10.36 -5.89
CA ALA D 20 21.40 -10.68 -6.69
C ALA D 20 21.59 -9.77 -7.91
N LEU D 21 20.78 -8.72 -8.10
CA LEU D 21 20.94 -7.91 -9.29
C LEU D 21 22.33 -7.30 -9.36
N SER D 22 22.90 -7.29 -10.54
CA SER D 22 24.12 -6.57 -10.83
CA SER D 22 24.14 -6.58 -10.76
C SER D 22 23.90 -5.08 -10.60
N LYS D 23 25.00 -4.34 -10.46
CA LYS D 23 24.98 -2.90 -10.31
C LYS D 23 24.38 -2.25 -11.55
N GLU D 24 24.62 -2.86 -12.72
CA GLU D 24 24.06 -2.38 -13.97
C GLU D 24 23.34 -3.53 -14.64
N PRO D 25 22.07 -3.79 -14.27
CA PRO D 25 21.38 -4.98 -14.75
C PRO D 25 21.03 -4.85 -16.23
N SER D 26 21.15 -5.97 -16.94
CA SER D 26 20.83 -6.07 -18.35
C SER D 26 19.32 -5.96 -18.57
N ALA D 27 18.93 -5.62 -19.80
CA ALA D 27 17.53 -5.64 -20.17
C ALA D 27 16.97 -7.05 -19.95
N GLN D 28 17.79 -8.07 -20.26
CA GLN D 28 17.34 -9.45 -20.14
C GLN D 28 17.04 -9.79 -18.67
N GLU D 29 17.94 -9.40 -17.76
CA GLU D 29 17.74 -9.67 -16.35
CA GLU D 29 17.84 -9.51 -16.30
C GLU D 29 16.49 -8.94 -15.85
N LEU D 30 16.26 -7.69 -16.27
CA LEU D 30 15.07 -6.97 -15.85
C LEU D 30 13.81 -7.60 -16.43
N GLU D 31 13.87 -8.11 -17.67
CA GLU D 31 12.72 -8.77 -18.24
CA GLU D 31 12.72 -8.77 -18.24
C GLU D 31 12.37 -10.05 -17.46
N ALA D 32 13.41 -10.77 -17.07
CA ALA D 32 13.26 -12.03 -16.33
C ALA D 32 12.68 -11.80 -14.94
N LEU D 33 13.13 -10.74 -14.24
CA LEU D 33 12.54 -10.32 -12.99
C LEU D 33 11.07 -9.95 -13.19
N THR D 34 10.76 -9.21 -14.29
CA THR D 34 9.40 -8.83 -14.56
C THR D 34 8.51 -10.06 -14.76
N GLN D 35 8.94 -10.93 -15.66
CA GLN D 35 8.21 -12.15 -15.98
C GLN D 35 7.90 -12.96 -14.69
N GLU D 36 8.86 -13.07 -13.81
CA GLU D 36 8.66 -13.85 -12.58
CA GLU D 36 8.66 -13.85 -12.58
C GLU D 36 7.66 -13.18 -11.63
N CYS D 37 7.70 -11.84 -11.53
CA CYS D 37 6.67 -11.13 -10.80
C CYS D 37 5.26 -11.41 -11.35
N GLU D 38 5.09 -11.30 -12.66
CA GLU D 38 3.74 -11.45 -13.24
C GLU D 38 3.26 -12.89 -13.10
N ALA D 39 4.17 -13.85 -13.26
CA ALA D 39 3.86 -15.27 -13.20
C ALA D 39 3.36 -15.58 -11.78
N LEU D 40 4.12 -15.11 -10.81
CA LEU D 40 3.78 -15.34 -9.42
C LEU D 40 2.45 -14.66 -9.10
N GLY D 41 2.25 -13.46 -9.66
CA GLY D 41 1.00 -12.77 -9.52
C GLY D 41 -0.18 -13.55 -10.08
N LYS D 42 -0.03 -14.07 -11.31
CA LYS D 42 -1.11 -14.81 -11.95
C LYS D 42 -1.39 -16.10 -11.17
N LYS D 43 -0.35 -16.77 -10.69
CA LYS D 43 -0.56 -17.99 -9.91
C LYS D 43 -1.30 -17.74 -8.60
N LEU D 44 -1.00 -16.63 -7.91
CA LEU D 44 -1.67 -16.28 -6.66
C LEU D 44 -3.13 -15.98 -6.94
N LYS D 45 -3.41 -15.23 -8.03
CA LYS D 45 -4.78 -14.89 -8.37
C LYS D 45 -5.55 -16.15 -8.77
N ALA D 46 -4.89 -17.08 -9.47
CA ALA D 46 -5.54 -18.33 -9.85
C ALA D 46 -5.84 -19.18 -8.62
N LEU D 47 -4.89 -19.25 -7.68
CA LEU D 47 -5.06 -20.01 -6.46
C LEU D 47 -6.24 -19.43 -5.68
N ALA D 48 -6.31 -18.10 -5.61
CA ALA D 48 -7.40 -17.42 -4.94
C ALA D 48 -8.76 -17.76 -5.58
N GLN D 49 -8.81 -17.73 -6.93
CA GLN D 49 -10.01 -18.08 -7.70
C GLN D 49 -10.12 -19.61 -7.71
N GLY E 2 -21.81 3.70 -13.05
CA GLY E 2 -20.90 2.87 -13.88
C GLY E 2 -19.93 3.74 -14.70
N GLU E 3 -20.45 4.52 -15.64
CA GLU E 3 -19.61 5.25 -16.56
CA GLU E 3 -19.61 5.25 -16.56
C GLU E 3 -18.81 6.32 -15.82
N LEU E 4 -19.51 7.12 -14.98
CA LEU E 4 -18.85 8.17 -14.22
C LEU E 4 -17.85 7.56 -13.23
N GLU E 5 -18.23 6.48 -12.55
CA GLU E 5 -17.30 5.78 -11.68
C GLU E 5 -16.04 5.33 -12.44
N ALA E 6 -16.21 4.75 -13.62
CA ALA E 6 -15.10 4.23 -14.41
C ALA E 6 -14.19 5.37 -14.84
N LEU E 7 -14.81 6.50 -15.30
CA LEU E 7 -14.02 7.66 -15.64
C LEU E 7 -13.23 8.19 -14.44
N GLY E 8 -13.88 8.23 -13.28
CA GLY E 8 -13.23 8.67 -12.05
C GLY E 8 -12.04 7.78 -11.71
N LYS E 9 -12.17 6.47 -11.91
CA LYS E 9 -11.06 5.56 -11.68
C LYS E 9 -9.90 5.81 -12.65
N LYS E 10 -10.17 6.26 -13.88
CA LYS E 10 -9.10 6.54 -14.81
C LYS E 10 -8.36 7.82 -14.47
N PHE E 11 -9.10 8.85 -13.98
CA PHE E 11 -8.45 10.05 -13.54
C PHE E 11 -7.57 9.73 -12.35
N LYS E 12 -8.04 8.89 -11.42
CA LYS E 12 -7.22 8.44 -10.27
C LYS E 12 -5.99 7.69 -10.74
N ALA E 13 -6.15 6.84 -11.75
CA ALA E 13 -5.05 6.11 -12.35
C ALA E 13 -4.06 7.08 -12.99
N LEU E 14 -4.51 8.16 -13.64
CA LEU E 14 -3.61 9.11 -14.22
C LEU E 14 -2.77 9.77 -13.11
N ALA E 15 -3.36 10.05 -11.95
CA ALA E 15 -2.60 10.62 -10.83
C ALA E 15 -1.41 9.72 -10.46
N TRP E 16 -1.70 8.43 -10.31
CA TRP E 16 -0.64 7.48 -10.00
C TRP E 16 0.40 7.34 -11.12
N LYS E 17 0.01 7.59 -12.38
CA LYS E 17 0.96 7.61 -13.51
C LYS E 17 1.92 8.78 -13.40
N VAL E 18 1.40 9.94 -12.98
CA VAL E 18 2.24 11.08 -12.73
C VAL E 18 3.25 10.77 -11.63
N LYS E 19 2.78 10.21 -10.54
CA LYS E 19 3.68 9.79 -9.50
C LYS E 19 4.83 8.93 -10.03
N ALA E 20 4.53 7.99 -10.90
CA ALA E 20 5.48 6.98 -11.38
C ALA E 20 6.44 7.54 -12.42
N LEU E 21 6.32 8.83 -12.78
CA LEU E 21 7.24 9.40 -13.75
C LEU E 21 8.67 9.29 -13.22
N SER E 22 9.61 9.05 -14.17
CA SER E 22 11.00 9.02 -13.74
C SER E 22 11.46 10.40 -13.33
N LYS E 23 12.65 10.41 -12.70
CA LYS E 23 13.16 11.61 -12.09
C LYS E 23 13.42 12.67 -13.16
N GLU E 24 13.87 12.30 -14.39
CA GLU E 24 14.01 13.23 -15.51
C GLU E 24 13.16 12.71 -16.68
N PRO E 25 11.84 13.03 -16.70
CA PRO E 25 10.91 12.33 -17.59
C PRO E 25 11.26 12.60 -19.05
N SER E 26 11.11 11.57 -19.87
CA SER E 26 11.30 11.70 -21.30
C SER E 26 10.13 12.50 -21.88
N ALA E 27 10.36 13.10 -23.03
CA ALA E 27 9.29 13.77 -23.76
C ALA E 27 8.14 12.82 -24.01
N GLN E 28 8.48 11.54 -24.25
CA GLN E 28 7.45 10.56 -24.51
C GLN E 28 6.61 10.28 -23.27
N GLU E 29 7.21 10.23 -22.08
CA GLU E 29 6.45 10.01 -20.85
C GLU E 29 5.44 11.17 -20.74
N LEU E 30 5.89 12.40 -21.04
CA LEU E 30 5.08 13.59 -20.79
C LEU E 30 3.97 13.66 -21.83
N GLU E 31 4.27 13.33 -23.08
CA GLU E 31 3.25 13.28 -24.12
C GLU E 31 2.22 12.18 -23.85
N ALA E 32 2.64 11.03 -23.33
CA ALA E 32 1.72 9.95 -23.03
C ALA E 32 0.68 10.41 -22.02
N LEU E 33 1.12 11.11 -20.98
CA LEU E 33 0.18 11.67 -19.99
C LEU E 33 -0.81 12.65 -20.64
N THR E 34 -0.27 13.56 -21.44
CA THR E 34 -1.12 14.53 -22.14
C THR E 34 -2.21 13.86 -22.96
N GLN E 35 -1.85 12.82 -23.75
CA GLN E 35 -2.79 12.14 -24.62
C GLN E 35 -3.86 11.44 -23.79
N GLU E 36 -3.48 10.87 -22.64
CA GLU E 36 -4.47 10.25 -21.75
C GLU E 36 -5.47 11.28 -21.20
N ALA E 37 -4.95 12.38 -20.70
CA ALA E 37 -5.80 13.48 -20.22
C ALA E 37 -6.74 13.98 -21.32
N GLU E 38 -6.20 14.16 -22.54
CA GLU E 38 -7.01 14.60 -23.67
C GLU E 38 -8.14 13.62 -23.95
N ALA E 39 -7.86 12.30 -24.01
CA ALA E 39 -8.89 11.32 -24.27
C ALA E 39 -9.99 11.32 -23.20
N LEU E 40 -9.62 11.47 -21.93
CA LEU E 40 -10.58 11.53 -20.84
C LEU E 40 -11.40 12.81 -20.97
N GLY E 41 -10.71 13.90 -21.33
CA GLY E 41 -11.35 15.18 -21.60
C GLY E 41 -12.43 15.05 -22.66
N LYS E 42 -12.12 14.39 -23.77
CA LYS E 42 -13.03 14.22 -24.88
C LYS E 42 -14.25 13.40 -24.44
N LYS E 43 -14.06 12.35 -23.64
CA LYS E 43 -15.14 11.54 -23.10
CA LYS E 43 -15.20 11.55 -23.17
C LYS E 43 -16.08 12.37 -22.22
N ILE E 44 -15.50 13.17 -21.31
CA ILE E 44 -16.32 13.99 -20.44
C ILE E 44 -17.12 15.04 -21.22
N LYS E 45 -16.49 15.67 -22.23
CA LYS E 45 -17.14 16.67 -23.04
C LYS E 45 -18.33 16.05 -23.80
N ALA E 46 -18.14 14.85 -24.34
CA ALA E 46 -19.21 14.12 -25.01
C ALA E 46 -20.35 13.83 -24.04
N LEU E 47 -20.05 13.37 -22.82
CA LEU E 47 -21.10 13.10 -21.84
C LEU E 47 -21.80 14.38 -21.40
N ALA E 48 -21.09 15.52 -21.41
CA ALA E 48 -21.66 16.75 -20.90
C ALA E 48 -22.61 17.37 -21.93
N GLN E 49 -22.48 17.00 -23.21
CA GLN E 49 -23.14 17.77 -24.25
C GLN E 49 -24.63 17.47 -24.30
N GLY E 50 -25.06 16.31 -23.77
CA GLY E 50 -26.46 15.95 -23.80
C GLY E 50 -27.35 16.98 -23.11
N GLY F 2 -1.81 -23.86 4.52
CA GLY F 2 -1.07 -23.04 5.46
C GLY F 2 -2.02 -22.29 6.39
N GLU F 3 -1.65 -21.05 6.71
CA GLU F 3 -2.25 -20.35 7.84
C GLU F 3 -3.67 -19.93 7.55
N LEU F 4 -3.92 -19.49 6.31
CA LEU F 4 -5.21 -19.00 5.88
C LEU F 4 -6.29 -20.05 6.07
N GLU F 5 -5.99 -21.27 5.61
CA GLU F 5 -7.03 -22.26 5.66
CA GLU F 5 -6.93 -22.36 5.66
C GLU F 5 -7.20 -22.71 7.12
N ALA F 6 -6.10 -22.77 7.91
CA ALA F 6 -6.22 -23.12 9.33
C ALA F 6 -7.13 -22.11 10.03
N LEU F 7 -6.92 -20.81 9.81
N LEU F 7 -6.93 -20.81 9.80
CA LEU F 7 -7.72 -19.83 10.54
CA LEU F 7 -7.73 -19.84 10.51
C LEU F 7 -9.13 -19.74 9.94
C LEU F 7 -9.15 -19.81 9.95
N ALA F 8 -9.33 -20.11 8.66
CA ALA F 8 -10.67 -20.21 8.09
C ALA F 8 -11.49 -21.32 8.76
N LYS F 9 -10.87 -22.48 9.01
CA LYS F 9 -11.55 -23.57 9.70
C LYS F 9 -11.84 -23.21 11.16
N LYS F 10 -10.83 -22.66 11.88
CA LYS F 10 -11.03 -22.21 13.25
C LYS F 10 -12.19 -21.20 13.33
N THR F 11 -12.32 -20.33 12.33
CA THR F 11 -13.36 -19.32 12.31
C THR F 11 -14.72 -19.98 12.16
N LYS F 12 -14.79 -20.98 11.27
CA LYS F 12 -16.06 -21.70 11.11
C LYS F 12 -16.46 -22.40 12.41
N ALA F 13 -15.49 -23.03 13.09
CA ALA F 13 -15.79 -23.73 14.33
C ALA F 13 -16.26 -22.74 15.38
N LEU F 14 -15.65 -21.57 15.43
CA LEU F 14 -16.03 -20.53 16.35
C LEU F 14 -17.45 -20.02 16.10
N THR F 15 -17.80 -19.66 14.85
CA THR F 15 -19.15 -19.22 14.50
C THR F 15 -20.16 -20.25 14.98
N TRP F 16 -19.93 -21.53 14.63
CA TRP F 16 -20.85 -22.58 15.02
C TRP F 16 -20.92 -22.75 16.52
N LYS F 17 -19.80 -22.57 17.23
CA LYS F 17 -19.85 -22.58 18.68
C LYS F 17 -20.77 -21.50 19.26
N PHE F 18 -20.74 -20.28 18.72
CA PHE F 18 -21.69 -19.24 19.11
C PHE F 18 -23.14 -19.65 18.73
N LYS F 19 -23.32 -20.15 17.50
CA LYS F 19 -24.66 -20.52 17.05
C LYS F 19 -25.27 -21.63 17.89
N ALA F 20 -24.42 -22.49 18.48
CA ALA F 20 -24.90 -23.67 19.17
C ALA F 20 -25.09 -23.42 20.66
N LEU F 21 -24.84 -22.19 21.13
CA LEU F 21 -24.97 -21.96 22.57
C LEU F 21 -26.40 -22.28 23.02
N SER F 22 -26.51 -22.82 24.23
CA SER F 22 -27.81 -22.94 24.88
C SER F 22 -28.36 -21.57 25.27
N LYS F 23 -29.64 -21.56 25.66
CA LYS F 23 -30.26 -20.37 26.19
C LYS F 23 -29.57 -19.91 27.47
N GLU F 24 -29.08 -20.86 28.29
CA GLU F 24 -28.39 -20.57 29.54
C GLU F 24 -27.03 -21.27 29.53
N PRO F 25 -26.04 -20.69 28.83
CA PRO F 25 -24.76 -21.37 28.69
C PRO F 25 -23.96 -21.39 29.99
N SER F 26 -23.09 -22.39 30.10
CA SER F 26 -22.22 -22.55 31.26
C SER F 26 -21.15 -21.46 31.28
N ALA F 27 -20.65 -21.15 32.49
CA ALA F 27 -19.46 -20.29 32.63
C ALA F 27 -18.27 -20.84 31.83
N GLN F 28 -18.04 -22.17 31.94
CA GLN F 28 -16.93 -22.81 31.29
C GLN F 28 -17.01 -22.62 29.77
N GLU F 29 -18.22 -22.81 29.19
CA GLU F 29 -18.39 -22.73 27.74
C GLU F 29 -18.05 -21.31 27.30
N LEU F 30 -18.50 -20.32 28.08
CA LEU F 30 -18.20 -18.96 27.71
C LEU F 30 -16.71 -18.63 27.89
N GLU F 31 -16.04 -19.21 28.88
CA GLU F 31 -14.60 -19.11 28.99
C GLU F 31 -13.92 -19.68 27.73
N ALA F 32 -14.36 -20.88 27.31
CA ALA F 32 -13.77 -21.51 26.11
C ALA F 32 -13.94 -20.58 24.88
N LEU F 33 -15.13 -19.99 24.76
CA LEU F 33 -15.45 -19.10 23.65
C LEU F 33 -14.56 -17.85 23.72
N THR F 34 -14.38 -17.31 24.94
CA THR F 34 -13.44 -16.21 25.16
C THR F 34 -12.03 -16.56 24.67
N GLN F 35 -11.53 -17.71 25.09
CA GLN F 35 -10.18 -18.13 24.72
CA GLN F 35 -10.17 -18.10 24.72
C GLN F 35 -10.01 -18.30 23.22
N GLU F 36 -11.03 -18.86 22.58
CA GLU F 36 -10.97 -19.17 21.12
C GLU F 36 -11.00 -17.85 20.35
N CYS F 37 -11.80 -16.91 20.82
CA CYS F 37 -11.80 -15.58 20.18
C CYS F 37 -10.46 -14.89 20.28
N GLU F 38 -9.88 -14.91 21.49
CA GLU F 38 -8.60 -14.27 21.76
C GLU F 38 -7.51 -14.93 20.90
N ALA F 39 -7.54 -16.26 20.79
CA ALA F 39 -6.52 -16.97 20.06
C ALA F 39 -6.61 -16.66 18.56
N LEU F 40 -7.82 -16.58 18.01
CA LEU F 40 -7.96 -16.27 16.59
C LEU F 40 -7.50 -14.84 16.36
N GLY F 41 -7.89 -13.93 17.24
CA GLY F 41 -7.42 -12.56 17.13
C GLY F 41 -5.90 -12.39 17.20
N LYS F 42 -5.24 -13.10 18.11
CA LYS F 42 -3.80 -13.01 18.18
C LYS F 42 -3.13 -13.64 16.94
N LYS F 43 -3.72 -14.72 16.40
CA LYS F 43 -3.20 -15.35 15.20
C LYS F 43 -3.29 -14.40 14.00
N LEU F 44 -4.46 -13.74 13.85
CA LEU F 44 -4.63 -12.76 12.76
C LEU F 44 -3.64 -11.60 12.92
N LYS F 45 -3.52 -11.08 14.13
CA LYS F 45 -2.57 -9.99 14.37
C LYS F 45 -1.13 -10.41 14.07
N ALA F 46 -0.74 -11.65 14.38
CA ALA F 46 0.60 -12.15 14.07
C ALA F 46 0.81 -12.25 12.57
N LEU F 47 -0.19 -12.71 11.84
CA LEU F 47 -0.06 -12.89 10.37
C LEU F 47 0.02 -11.52 9.71
N ALA F 48 -0.70 -10.54 10.24
CA ALA F 48 -0.72 -9.17 9.68
C ALA F 48 0.71 -8.66 9.61
N GLN F 49 1.47 -8.90 10.67
CA GLN F 49 2.91 -8.49 10.71
C GLN F 49 3.75 -9.69 10.22
N GLY F 50 3.55 -10.11 8.97
CA GLY F 50 4.30 -11.26 8.43
C GLY F 50 5.33 -11.76 9.42
N GLY G 2 20.17 28.05 13.66
CA GLY G 2 20.87 27.77 12.42
C GLY G 2 20.45 26.43 11.80
N GLU G 3 21.34 25.90 10.95
CA GLU G 3 20.97 24.87 9.97
C GLU G 3 20.56 23.57 10.66
N LEU G 4 21.20 23.26 11.79
CA LEU G 4 20.88 22.08 12.59
C LEU G 4 19.42 22.07 13.03
N GLU G 5 19.01 23.18 13.64
CA GLU G 5 17.69 23.27 14.19
C GLU G 5 16.71 23.24 13.02
N ALA G 6 17.05 23.89 11.89
CA ALA G 6 16.12 23.92 10.77
C ALA G 6 15.94 22.48 10.28
N LEU G 7 17.02 21.69 10.21
CA LEU G 7 16.89 20.33 9.71
C LEU G 7 16.20 19.42 10.75
N ALA G 8 16.38 19.68 12.05
CA ALA G 8 15.64 18.95 13.08
C ALA G 8 14.11 19.18 13.02
N LYS G 9 13.70 20.42 12.79
CA LYS G 9 12.30 20.71 12.64
C LYS G 9 11.72 20.05 11.37
N LYS G 10 12.44 20.13 10.25
CA LYS G 10 11.98 19.49 9.00
C LYS G 10 11.82 17.99 9.20
N THR G 11 12.76 17.39 9.95
CA THR G 11 12.72 15.96 10.22
C THR G 11 11.50 15.63 11.06
N LYS G 12 11.21 16.45 12.08
CA LYS G 12 10.01 16.21 12.87
C LYS G 12 8.74 16.31 12.01
N ALA G 13 8.69 17.32 11.14
CA ALA G 13 7.55 17.47 10.26
C ALA G 13 7.37 16.24 9.36
N LEU G 14 8.49 15.76 8.82
CA LEU G 14 8.50 14.56 7.99
C LEU G 14 7.97 13.34 8.74
N THR G 15 8.51 13.04 9.94
CA THR G 15 8.07 11.91 10.72
CA THR G 15 8.07 11.88 10.70
C THR G 15 6.59 11.98 11.02
N TRP G 16 6.10 13.18 11.43
CA TRP G 16 4.67 13.32 11.69
C TRP G 16 3.84 13.15 10.42
N LYS G 17 4.32 13.55 9.24
CA LYS G 17 3.52 13.34 8.03
C LYS G 17 3.40 11.85 7.75
N PHE G 18 4.47 11.10 7.99
CA PHE G 18 4.39 9.64 7.92
C PHE G 18 3.37 9.11 8.92
N LYS G 19 3.49 9.55 10.17
CA LYS G 19 2.62 9.03 11.22
C LYS G 19 1.14 9.38 10.96
N ALA G 20 0.89 10.51 10.29
CA ALA G 20 -0.46 10.99 10.09
C ALA G 20 -1.09 10.47 8.80
N LEU G 21 -0.41 9.56 8.09
CA LEU G 21 -0.94 9.11 6.80
C LEU G 21 -2.26 8.38 7.04
N SER G 22 -3.18 8.55 6.11
CA SER G 22 -4.37 7.72 6.09
C SER G 22 -4.01 6.28 5.71
N LYS G 23 -4.99 5.38 5.83
CA LYS G 23 -4.80 4.00 5.45
C LYS G 23 -4.54 3.87 3.93
N GLU G 24 -5.22 4.71 3.13
CA GLU G 24 -5.08 4.78 1.69
C GLU G 24 -4.63 6.17 1.28
N PRO G 25 -3.31 6.49 1.41
CA PRO G 25 -2.86 7.84 1.17
C PRO G 25 -2.97 8.19 -0.33
N SER G 26 -3.22 9.47 -0.59
CA SER G 26 -3.22 9.95 -1.96
C SER G 26 -1.85 9.86 -2.63
N ALA G 27 -1.93 9.83 -3.98
CA ALA G 27 -0.72 9.97 -4.79
C ALA G 27 0.03 11.24 -4.49
N GLN G 28 -0.69 12.33 -4.35
CA GLN G 28 -0.08 13.61 -4.07
C GLN G 28 0.62 13.67 -2.71
N GLU G 29 0.03 13.05 -1.66
CA GLU G 29 0.63 12.99 -0.33
CA GLU G 29 0.71 13.13 -0.37
C GLU G 29 1.96 12.26 -0.38
N LEU G 30 1.96 11.16 -1.13
CA LEU G 30 3.18 10.37 -1.25
C LEU G 30 4.22 11.08 -2.11
N GLU G 31 3.81 11.87 -3.07
CA GLU G 31 4.78 12.64 -3.82
C GLU G 31 5.45 13.64 -2.88
N ALA G 32 4.63 14.32 -2.06
CA ALA G 32 5.11 15.30 -1.08
C ALA G 32 6.10 14.65 -0.12
N LEU G 33 5.79 13.46 0.39
CA LEU G 33 6.70 12.76 1.27
C LEU G 33 7.99 12.47 0.54
N THR G 34 7.89 11.94 -0.68
CA THR G 34 9.08 11.67 -1.48
C THR G 34 9.97 12.90 -1.53
N GLN G 35 9.37 14.05 -1.89
CA GLN G 35 10.13 15.26 -2.08
C GLN G 35 10.78 15.74 -0.78
N GLU G 36 10.02 15.64 0.31
CA GLU G 36 10.54 16.06 1.63
C GLU G 36 11.70 15.17 2.09
N CYS G 37 11.67 13.86 1.80
CA CYS G 37 12.80 12.97 2.09
C CYS G 37 14.03 13.36 1.27
N GLU G 38 13.81 13.62 -0.02
CA GLU G 38 14.91 13.93 -0.91
C GLU G 38 15.54 15.27 -0.51
N ALA G 39 14.70 16.27 -0.21
CA ALA G 39 15.18 17.56 0.24
C ALA G 39 16.07 17.47 1.47
N LEU G 40 15.60 16.73 2.44
CA LEU G 40 16.33 16.59 3.69
C LEU G 40 17.65 15.85 3.47
N GLY G 41 17.62 14.82 2.62
CA GLY G 41 18.85 14.13 2.26
C GLY G 41 19.86 15.03 1.55
N LYS G 42 19.39 15.84 0.60
CA LYS G 42 20.25 16.79 -0.08
C LYS G 42 20.83 17.85 0.87
N LYS G 43 20.00 18.39 1.77
CA LYS G 43 20.45 19.38 2.74
C LYS G 43 21.49 18.81 3.71
N LEU G 44 21.29 17.58 4.18
CA LEU G 44 22.27 16.92 5.04
C LEU G 44 23.63 16.74 4.34
N LYS G 45 23.59 16.29 3.09
CA LYS G 45 24.82 16.12 2.31
C LYS G 45 25.53 17.45 2.09
N ALA G 46 24.78 18.50 1.78
CA ALA G 46 25.38 19.81 1.61
C ALA G 46 26.07 20.29 2.89
N LEU G 47 25.39 20.17 4.03
CA LEU G 47 25.95 20.58 5.30
C LEU G 47 27.16 19.71 5.65
N ALA G 48 27.16 18.43 5.25
CA ALA G 48 28.31 17.54 5.43
C ALA G 48 29.54 18.10 4.73
N GLN G 49 29.35 18.68 3.54
CA GLN G 49 30.43 19.23 2.72
C GLN G 49 30.73 20.67 3.15
N GLY G 50 30.09 21.15 4.22
CA GLY G 50 30.43 22.43 4.83
C GLY G 50 31.73 22.29 5.63
N GLY H 2 -9.58 -13.02 -1.16
CA GLY H 2 -9.09 -11.70 -0.82
C GLY H 2 -7.58 -11.60 -0.61
N GLU H 3 -6.98 -12.35 0.34
CA GLU H 3 -5.59 -12.08 0.72
C GLU H 3 -4.66 -12.45 -0.43
N LEU H 4 -4.84 -13.67 -0.96
CA LEU H 4 -4.03 -14.17 -2.06
C LEU H 4 -4.22 -13.33 -3.34
N GLU H 5 -5.44 -12.99 -3.66
CA GLU H 5 -5.73 -12.07 -4.75
C GLU H 5 -5.00 -10.73 -4.56
N ALA H 6 -5.06 -10.16 -3.36
CA ALA H 6 -4.40 -8.89 -3.10
C ALA H 6 -2.88 -9.04 -3.24
N LEU H 7 -2.32 -10.14 -2.73
CA LEU H 7 -0.90 -10.33 -2.92
C LEU H 7 -0.54 -10.50 -4.42
N GLY H 8 -1.37 -11.23 -5.17
CA GLY H 8 -1.12 -11.39 -6.60
C GLY H 8 -1.13 -10.04 -7.31
N LYS H 9 -2.02 -9.16 -6.87
CA LYS H 9 -2.09 -7.82 -7.46
C LYS H 9 -0.84 -7.00 -7.16
N LYS H 10 -0.25 -7.20 -5.97
CA LYS H 10 0.97 -6.54 -5.58
CA LYS H 10 0.97 -6.51 -5.61
C LYS H 10 2.15 -7.07 -6.41
N PHE H 11 2.22 -8.40 -6.66
CA PHE H 11 3.32 -8.89 -7.48
C PHE H 11 3.19 -8.37 -8.93
N LYS H 12 1.96 -8.33 -9.46
CA LYS H 12 1.74 -7.72 -10.76
C LYS H 12 2.25 -6.27 -10.78
N ALA H 13 1.87 -5.49 -9.78
CA ALA H 13 2.25 -4.09 -9.69
C ALA H 13 3.77 -3.94 -9.68
N LEU H 14 4.44 -4.87 -8.99
CA LEU H 14 5.89 -4.85 -8.85
C LEU H 14 6.50 -5.07 -10.23
N ALA H 15 5.84 -5.91 -11.09
CA ALA H 15 6.37 -6.14 -12.43
C ALA H 15 6.42 -4.84 -13.23
N TRP H 16 5.38 -4.05 -13.07
CA TRP H 16 5.29 -2.76 -13.77
C TRP H 16 6.32 -1.75 -13.21
N LYS H 17 6.71 -1.90 -11.94
CA LYS H 17 7.73 -1.04 -11.33
C LYS H 17 9.09 -1.37 -11.91
N VAL H 18 9.34 -2.68 -12.15
CA VAL H 18 10.54 -3.06 -12.87
C VAL H 18 10.58 -2.40 -14.25
N LYS H 19 9.46 -2.48 -14.99
CA LYS H 19 9.35 -1.89 -16.31
C LYS H 19 9.73 -0.40 -16.24
N ALA H 20 9.25 0.26 -15.19
CA ALA H 20 9.33 1.70 -15.04
C ALA H 20 10.68 2.15 -14.49
N LEU H 21 11.63 1.23 -14.28
CA LEU H 21 12.94 1.61 -13.79
C LEU H 21 13.57 2.60 -14.77
N SER H 22 14.14 3.67 -14.21
CA SER H 22 14.98 4.59 -14.97
CA SER H 22 14.98 4.59 -14.97
C SER H 22 16.03 3.80 -15.74
N LYS H 23 16.65 4.44 -16.76
CA LYS H 23 17.43 3.74 -17.76
C LYS H 23 18.74 3.15 -17.22
N GLU H 24 19.51 3.87 -16.39
CA GLU H 24 20.64 3.28 -15.69
C GLU H 24 20.34 3.42 -14.20
N PRO H 25 19.56 2.49 -13.60
CA PRO H 25 19.04 2.73 -12.26
C PRO H 25 20.08 2.67 -11.16
N SER H 26 19.97 3.62 -10.20
CA SER H 26 20.83 3.73 -9.04
C SER H 26 20.61 2.54 -8.11
N ALA H 27 21.57 2.33 -7.19
CA ALA H 27 21.49 1.25 -6.21
C ALA H 27 20.25 1.45 -5.34
N GLN H 28 19.99 2.70 -4.94
CA GLN H 28 18.85 2.98 -4.09
CA GLN H 28 18.85 2.98 -4.09
C GLN H 28 17.53 2.75 -4.82
N GLU H 29 17.48 3.03 -6.11
CA GLU H 29 16.26 2.83 -6.93
C GLU H 29 15.94 1.33 -6.99
N LEU H 30 16.99 0.54 -7.24
CA LEU H 30 16.87 -0.92 -7.27
C LEU H 30 16.49 -1.49 -5.89
N GLU H 31 17.14 -1.00 -4.83
CA GLU H 31 16.91 -1.49 -3.49
C GLU H 31 15.46 -1.24 -3.07
N ALA H 32 14.82 -0.16 -3.55
CA ALA H 32 13.41 0.07 -3.24
C ALA H 32 12.53 -1.09 -3.73
N LEU H 33 12.86 -1.63 -4.91
CA LEU H 33 12.08 -2.74 -5.49
C LEU H 33 12.43 -4.03 -4.76
N THR H 34 13.70 -4.21 -4.45
CA THR H 34 14.13 -5.38 -3.65
C THR H 34 13.41 -5.45 -2.30
N GLN H 35 13.31 -4.28 -1.60
CA GLN H 35 12.63 -4.26 -0.33
C GLN H 35 11.16 -4.59 -0.46
N GLU H 36 10.52 -4.16 -1.53
CA GLU H 36 9.09 -4.50 -1.74
C GLU H 36 8.97 -6.02 -1.93
N ALA H 37 9.90 -6.60 -2.70
CA ALA H 37 9.84 -8.03 -2.95
C ALA H 37 10.00 -8.79 -1.63
N GLU H 38 10.93 -8.30 -0.80
CA GLU H 38 11.21 -8.90 0.51
C GLU H 38 9.97 -8.88 1.39
N ALA H 39 9.29 -7.72 1.45
CA ALA H 39 8.08 -7.49 2.24
C ALA H 39 6.98 -8.46 1.77
N LEU H 40 6.82 -8.61 0.46
CA LEU H 40 5.79 -9.52 -0.06
C LEU H 40 6.17 -10.95 0.27
N GLY H 41 7.47 -11.22 0.14
CA GLY H 41 8.03 -12.54 0.45
C GLY H 41 7.81 -12.96 1.91
N LYS H 42 7.93 -12.00 2.82
CA LYS H 42 7.72 -12.24 4.25
C LYS H 42 6.24 -12.60 4.49
N LYS H 43 5.33 -11.91 3.82
CA LYS H 43 3.91 -12.18 3.98
C LYS H 43 3.56 -13.60 3.48
N ILE H 44 4.05 -13.93 2.28
CA ILE H 44 3.77 -15.24 1.68
C ILE H 44 4.28 -16.40 2.55
N LYS H 45 5.52 -16.24 3.08
CA LYS H 45 6.13 -17.27 3.91
C LYS H 45 5.27 -17.47 5.18
N ALA H 46 4.81 -16.37 5.80
CA ALA H 46 3.98 -16.43 7.01
C ALA H 46 2.66 -17.13 6.71
N LEU H 47 2.07 -16.85 5.53
CA LEU H 47 0.82 -17.49 5.13
C LEU H 47 1.02 -18.97 4.85
N ALA H 48 2.22 -19.37 4.40
CA ALA H 48 2.44 -20.74 4.00
C ALA H 48 2.85 -21.63 5.19
N GLN H 49 3.26 -21.04 6.32
CA GLN H 49 3.79 -21.78 7.46
C GLN H 49 2.79 -22.87 7.87
#